data_5LM1
#
_entry.id   5LM1
#
_cell.length_a   48.930
_cell.length_b   93.270
_cell.length_c   102.220
_cell.angle_alpha   90.00
_cell.angle_beta   90.00
_cell.angle_gamma   90.00
#
_symmetry.space_group_name_H-M   'P 21 21 21'
#
loop_
_entity.id
_entity.type
_entity.pdbx_description
1 polymer 'Tyrosine-protein phosphatase non-receptor type 23'
2 polymer UBAP-1
3 water water
#
loop_
_entity_poly.entity_id
_entity_poly.type
_entity_poly.pdbx_seq_one_letter_code
_entity_poly.pdbx_strand_id
1 'polypeptide(L)'
;PMAAHEASSLYSEEKAKLLREMMAKIEDKNEVLDQFMDSMQLDPETVDNLDAYSHIPPQLMEKCAALSVRPDTVRNLVQS
MQVLSGVFTDVEASLKDIRDLLEEDELLEQKFQEAVGQAGAISITSKAELAEVRREWAKYMEVHEKASFTNSELHRAMNL
HVGNLRLLSGPLDQVRAALPTPALSPEDKAVLQNLKRILAKVQEMRDQRVSLEQQLRELIQKDDITASLVTTDHSEMKKL
FEEQLKKYDQLKVYLEQNLAAQDRVLCALTEANVQYAAVRRVLSDLDQKWNSTLQTLVASYEAYEDLMKKSQEGRDFYAD
LESKVAALLERTQSTCQAREAARQQLLDRELK
;
A
2 'polypeptide(L)' SNIKSLSFPKLDSDDSNQKT B
#
# COMPACT_ATOMS: atom_id res chain seq x y z
N ALA A 4 41.95 13.74 60.70
CA ALA A 4 40.61 14.32 60.57
C ALA A 4 40.20 14.40 59.11
N HIS A 5 41.06 15.03 58.30
CA HIS A 5 40.80 15.10 56.86
C HIS A 5 40.91 13.73 56.19
N GLU A 6 41.60 12.78 56.81
CA GLU A 6 41.73 11.44 56.25
C GLU A 6 40.57 10.53 56.64
N ALA A 7 39.85 10.84 57.72
CA ALA A 7 38.68 10.05 58.08
C ALA A 7 37.51 10.34 57.14
N SER A 8 37.32 11.62 56.79
CA SER A 8 36.29 11.96 55.80
C SER A 8 36.64 11.43 54.42
N SER A 9 37.93 11.33 54.10
CA SER A 9 38.34 10.79 52.81
C SER A 9 38.14 9.28 52.74
N LEU A 10 38.42 8.58 53.85
CA LEU A 10 38.19 7.14 53.88
C LEU A 10 36.70 6.81 53.78
N TYR A 11 35.83 7.71 54.24
CA TYR A 11 34.40 7.47 54.17
C TYR A 11 33.82 7.77 52.79
N SER A 12 34.40 8.74 52.08
CA SER A 12 33.98 8.96 50.69
C SER A 12 34.38 7.80 49.80
N GLU A 13 35.50 7.14 50.10
CA GLU A 13 35.87 5.95 49.33
C GLU A 13 34.93 4.79 49.63
N GLU A 14 34.52 4.65 50.90
CA GLU A 14 33.56 3.60 51.23
C GLU A 14 32.20 3.86 50.62
N LYS A 15 31.79 5.14 50.55
CA LYS A 15 30.54 5.48 49.88
C LYS A 15 30.64 5.28 48.38
N ALA A 16 31.80 5.60 47.80
CA ALA A 16 31.98 5.40 46.36
C ALA A 16 32.07 3.92 46.00
N LYS A 17 32.60 3.10 46.91
CA LYS A 17 32.73 1.68 46.63
C LYS A 17 31.37 0.99 46.63
N LEU A 18 30.56 1.23 47.66
CA LEU A 18 29.24 0.61 47.72
C LEU A 18 28.35 1.11 46.58
N LEU A 19 28.55 2.35 46.14
CA LEU A 19 27.80 2.86 45.00
C LEU A 19 28.27 2.21 43.70
N ARG A 20 29.56 1.84 43.63
CA ARG A 20 30.08 1.19 42.44
C ARG A 20 29.68 -0.28 42.38
N GLU A 21 29.60 -0.95 43.54
CA GLU A 21 29.07 -2.30 43.59
C GLU A 21 27.59 -2.32 43.21
N MET A 22 26.84 -1.31 43.64
CA MET A 22 25.43 -1.20 43.25
C MET A 22 25.30 -1.08 41.74
N MET A 23 26.04 -0.13 41.14
CA MET A 23 25.94 0.10 39.70
C MET A 23 26.37 -1.11 38.90
N ALA A 24 27.18 -2.00 39.49
CA ALA A 24 27.59 -3.21 38.78
C ALA A 24 26.48 -4.25 38.74
N LYS A 25 25.88 -4.53 39.90
CA LYS A 25 24.78 -5.51 39.96
C LYS A 25 23.60 -5.06 39.11
N ILE A 26 23.41 -3.75 38.93
CA ILE A 26 22.30 -3.26 38.12
C ILE A 26 22.60 -3.45 36.64
N GLU A 27 23.82 -3.13 36.21
CA GLU A 27 24.18 -3.27 34.80
C GLU A 27 24.13 -4.72 34.36
N ASP A 28 24.55 -5.64 35.22
CA ASP A 28 24.48 -7.07 34.91
C ASP A 28 23.03 -7.50 34.71
N LYS A 29 22.18 -7.23 35.70
CA LYS A 29 20.78 -7.61 35.61
C LYS A 29 20.11 -6.96 34.39
N ASN A 30 20.49 -5.73 34.07
CA ASN A 30 19.91 -5.08 32.91
C ASN A 30 20.41 -5.69 31.62
N GLU A 31 21.70 -6.08 31.58
CA GLU A 31 22.23 -6.74 30.40
C GLU A 31 21.46 -8.02 30.07
N VAL A 32 21.31 -8.89 31.06
CA VAL A 32 20.47 -10.07 30.90
C VAL A 32 19.08 -9.68 30.43
N LEU A 33 18.43 -8.77 31.19
CA LEU A 33 17.06 -8.40 30.88
C LEU A 33 16.93 -7.84 29.47
N ASP A 34 17.89 -7.03 29.03
CA ASP A 34 17.79 -6.42 27.71
C ASP A 34 17.98 -7.47 26.62
N GLN A 35 18.90 -8.42 26.82
CA GLN A 35 19.09 -9.48 25.83
C GLN A 35 17.84 -10.31 25.64
N PHE A 36 17.11 -10.59 26.71
CA PHE A 36 15.92 -11.41 26.59
C PHE A 36 14.79 -10.63 25.90
N MET A 37 14.65 -9.34 26.20
CA MET A 37 13.66 -8.52 25.50
C MET A 37 13.97 -8.43 24.01
N ASP A 38 15.24 -8.11 23.68
CA ASP A 38 15.62 -7.97 22.28
C ASP A 38 15.48 -9.30 21.54
N SER A 39 15.77 -10.41 22.22
CA SER A 39 15.70 -11.72 21.56
C SER A 39 14.26 -12.15 21.33
N MET A 40 13.33 -11.72 22.17
CA MET A 40 11.94 -12.14 22.04
C MET A 40 11.11 -11.22 21.15
N GLN A 41 11.48 -9.94 21.06
CA GLN A 41 10.81 -8.98 20.18
C GLN A 41 9.31 -8.90 20.46
N LEU A 42 8.92 -8.14 21.47
CA LEU A 42 7.53 -8.04 21.87
C LEU A 42 7.08 -6.58 21.99
N VAL A 47 0.96 -3.77 20.25
CA VAL A 47 0.77 -5.06 20.88
C VAL A 47 -0.71 -5.37 21.03
N ASP A 48 -1.43 -4.48 21.73
CA ASP A 48 -2.87 -4.60 21.93
C ASP A 48 -3.67 -3.76 20.93
N ASN A 49 -3.05 -3.34 19.84
CA ASN A 49 -3.72 -2.55 18.81
C ASN A 49 -4.55 -3.41 17.86
N LEU A 50 -5.27 -4.41 18.40
CA LEU A 50 -6.07 -5.29 17.55
C LEU A 50 -7.33 -4.61 17.04
N ASP A 51 -7.83 -3.59 17.75
CA ASP A 51 -9.02 -2.87 17.28
C ASP A 51 -8.74 -2.08 16.02
N ALA A 52 -7.47 -1.76 15.75
CA ALA A 52 -7.13 -1.01 14.54
C ALA A 52 -7.52 -1.77 13.27
N TYR A 53 -7.54 -3.10 13.33
CA TYR A 53 -7.97 -3.88 12.17
C TYR A 53 -9.42 -3.61 11.84
N SER A 54 -10.23 -3.25 12.84
CA SER A 54 -11.63 -2.95 12.64
C SER A 54 -11.88 -1.53 12.13
N HIS A 55 -10.83 -0.72 11.99
CA HIS A 55 -10.97 0.65 11.52
C HIS A 55 -10.54 0.76 10.06
N ILE A 56 -11.15 1.71 9.36
CA ILE A 56 -10.78 2.02 7.98
C ILE A 56 -9.68 3.08 8.03
N PRO A 57 -8.52 2.83 7.43
CA PRO A 57 -7.44 3.81 7.44
C PRO A 57 -7.90 5.15 6.90
N PRO A 58 -7.52 6.26 7.54
CA PRO A 58 -7.97 7.59 7.07
C PRO A 58 -7.67 7.88 5.61
N GLN A 59 -6.56 7.36 5.07
CA GLN A 59 -6.26 7.61 3.66
C GLN A 59 -7.24 6.92 2.74
N LEU A 60 -7.76 5.77 3.15
CA LEU A 60 -8.76 5.07 2.34
C LEU A 60 -10.12 5.75 2.42
N MET A 61 -10.45 6.35 3.57
CA MET A 61 -11.72 7.07 3.68
C MET A 61 -11.72 8.28 2.77
N GLU A 62 -10.58 8.98 2.67
CA GLU A 62 -10.49 10.12 1.76
C GLU A 62 -10.72 9.70 0.31
N LYS A 63 -10.32 8.48 -0.04
CA LYS A 63 -10.54 7.99 -1.40
C LYS A 63 -11.99 7.57 -1.60
N CYS A 64 -12.62 6.97 -0.59
CA CYS A 64 -14.04 6.67 -0.68
C CYS A 64 -14.86 7.94 -0.85
N ALA A 65 -14.57 8.96 -0.05
CA ALA A 65 -15.29 10.22 -0.16
C ALA A 65 -15.09 10.87 -1.53
N ALA A 66 -13.94 10.63 -2.17
CA ALA A 66 -13.69 11.18 -3.49
C ALA A 66 -14.56 10.53 -4.55
N LEU A 67 -14.88 9.24 -4.37
CA LEU A 67 -15.78 8.55 -5.28
C LEU A 67 -17.25 8.86 -5.03
N SER A 68 -17.55 9.73 -4.06
CA SER A 68 -18.92 10.13 -3.77
C SER A 68 -19.17 11.61 -3.98
N VAL A 69 -18.12 12.42 -4.11
CA VAL A 69 -18.31 13.85 -4.40
C VAL A 69 -19.00 14.01 -5.75
N ARG A 70 -18.84 13.04 -6.64
CA ARG A 70 -19.53 13.00 -7.93
C ARG A 70 -20.39 11.75 -7.96
N PRO A 71 -21.72 11.87 -8.05
CA PRO A 71 -22.58 10.68 -7.92
C PRO A 71 -22.42 9.72 -9.08
N ASP A 72 -22.27 8.43 -8.76
CA ASP A 72 -22.22 7.35 -9.74
C ASP A 72 -21.05 7.53 -10.71
N THR A 73 -19.87 7.86 -10.16
CA THR A 73 -18.70 8.04 -11.01
C THR A 73 -18.20 6.69 -11.55
N VAL A 74 -18.29 5.64 -10.74
CA VAL A 74 -17.90 4.31 -11.21
C VAL A 74 -18.90 3.79 -12.24
N ARG A 75 -20.19 4.08 -12.05
CA ARG A 75 -21.18 3.68 -13.04
C ARG A 75 -20.97 4.43 -14.35
N ASN A 76 -20.69 5.73 -14.28
CA ASN A 76 -20.47 6.50 -15.50
C ASN A 76 -19.18 6.10 -16.19
N LEU A 77 -18.14 5.74 -15.42
CA LEU A 77 -16.92 5.23 -16.04
C LEU A 77 -17.17 3.90 -16.75
N VAL A 78 -17.95 3.01 -16.12
CA VAL A 78 -18.28 1.74 -16.74
C VAL A 78 -19.07 1.95 -18.02
N GLN A 79 -20.06 2.84 -17.98
CA GLN A 79 -20.84 3.14 -19.18
C GLN A 79 -19.96 3.77 -20.26
N SER A 80 -19.13 4.73 -19.87
CA SER A 80 -18.22 5.36 -20.83
C SER A 80 -17.30 4.33 -21.49
N MET A 81 -16.88 3.31 -20.73
CA MET A 81 -16.07 2.25 -21.32
C MET A 81 -16.88 1.43 -22.31
N GLN A 82 -18.18 1.22 -22.04
CA GLN A 82 -19.03 0.51 -23.00
C GLN A 82 -19.24 1.33 -24.27
N VAL A 83 -19.34 2.65 -24.14
CA VAL A 83 -19.44 3.51 -25.31
C VAL A 83 -18.16 3.44 -26.13
N LEU A 84 -17.00 3.50 -25.47
CA LEU A 84 -15.73 3.38 -26.18
C LEU A 84 -15.61 2.01 -26.85
N SER A 85 -16.06 0.95 -26.16
CA SER A 85 -16.09 -0.36 -26.79
C SER A 85 -17.04 -0.40 -27.97
N GLY A 86 -18.11 0.42 -27.93
CA GLY A 86 -19.06 0.43 -29.02
C GLY A 86 -18.50 1.08 -30.28
N VAL A 87 -17.89 2.25 -30.13
CA VAL A 87 -17.30 2.94 -31.28
C VAL A 87 -16.10 2.19 -31.83
N PHE A 88 -15.48 1.32 -31.01
CA PHE A 88 -14.39 0.49 -31.53
C PHE A 88 -14.90 -0.48 -32.58
N THR A 89 -15.98 -1.20 -32.26
CA THR A 89 -16.53 -2.16 -33.20
C THR A 89 -17.15 -1.48 -34.41
N ASP A 90 -17.68 -0.26 -34.22
CA ASP A 90 -18.21 0.50 -35.35
C ASP A 90 -17.11 0.84 -36.34
N VAL A 91 -15.97 1.31 -35.85
CA VAL A 91 -14.83 1.62 -36.72
C VAL A 91 -14.37 0.36 -37.45
N GLU A 92 -14.23 -0.75 -36.71
CA GLU A 92 -13.79 -2.00 -37.31
C GLU A 92 -14.73 -2.43 -38.43
N ALA A 93 -16.04 -2.23 -38.26
CA ALA A 93 -17.01 -2.65 -39.26
C ALA A 93 -17.03 -1.72 -40.48
N SER A 94 -16.80 -0.41 -40.28
CA SER A 94 -16.70 0.49 -41.41
C SER A 94 -15.41 0.26 -42.18
N LEU A 95 -14.31 -0.02 -41.48
CA LEU A 95 -13.08 -0.43 -42.15
C LEU A 95 -13.30 -1.71 -42.94
N LYS A 96 -14.14 -2.62 -42.43
CA LYS A 96 -14.44 -3.84 -43.15
C LYS A 96 -15.32 -3.58 -44.37
N ASP A 97 -16.24 -2.61 -44.27
CA ASP A 97 -17.06 -2.23 -45.41
C ASP A 97 -16.21 -1.67 -46.54
N ILE A 98 -15.28 -0.78 -46.21
CA ILE A 98 -14.39 -0.21 -47.21
C ILE A 98 -13.57 -1.30 -47.87
N ARG A 99 -13.08 -2.26 -47.07
CA ARG A 99 -12.32 -3.37 -47.64
C ARG A 99 -13.17 -4.16 -48.62
N ASP A 100 -14.42 -4.46 -48.25
CA ASP A 100 -15.28 -5.25 -49.13
C ASP A 100 -15.54 -4.53 -50.44
N LEU A 101 -15.66 -3.20 -50.40
CA LEU A 101 -15.87 -2.44 -51.62
C LEU A 101 -14.63 -2.46 -52.51
N LEU A 102 -13.44 -2.29 -51.91
CA LEU A 102 -12.21 -2.35 -52.69
C LEU A 102 -11.99 -3.73 -53.29
N GLU A 103 -12.37 -4.78 -52.56
CA GLU A 103 -12.18 -6.15 -53.06
C GLU A 103 -13.16 -6.47 -54.18
N GLU A 104 -14.41 -6.04 -54.04
CA GLU A 104 -15.39 -6.27 -55.10
C GLU A 104 -15.07 -5.46 -56.35
N ASP A 105 -14.61 -4.22 -56.17
CA ASP A 105 -14.22 -3.40 -57.30
C ASP A 105 -13.02 -3.99 -58.03
N GLU A 106 -12.01 -4.43 -57.28
CA GLU A 106 -10.84 -5.03 -57.91
C GLU A 106 -11.20 -6.31 -58.65
N LEU A 107 -12.20 -7.04 -58.16
CA LEU A 107 -12.65 -8.24 -58.86
C LEU A 107 -13.32 -7.89 -60.18
N LEU A 108 -14.26 -6.94 -60.14
CA LEU A 108 -14.96 -6.54 -61.35
C LEU A 108 -14.01 -5.96 -62.39
N GLU A 109 -13.01 -5.21 -61.94
CA GLU A 109 -12.04 -4.62 -62.86
C GLU A 109 -11.22 -5.71 -63.55
N GLN A 110 -10.86 -6.77 -62.83
CA GLN A 110 -10.14 -7.87 -63.47
C GLN A 110 -11.02 -8.60 -64.48
N LYS A 111 -12.29 -8.82 -64.15
CA LYS A 111 -13.21 -9.45 -65.08
C LYS A 111 -13.46 -8.57 -66.31
N PHE A 112 -13.52 -7.26 -66.09
CA PHE A 112 -13.77 -6.33 -67.20
C PHE A 112 -12.58 -6.28 -68.16
N GLN A 113 -11.37 -6.19 -67.61
CA GLN A 113 -10.17 -6.16 -68.44
C GLN A 113 -9.92 -7.47 -69.16
N GLU A 114 -10.61 -8.54 -68.78
CA GLU A 114 -10.52 -9.81 -69.48
C GLU A 114 -11.50 -9.89 -70.65
N ALA A 115 -12.71 -9.38 -70.46
CA ALA A 115 -13.75 -9.46 -71.48
C ALA A 115 -13.51 -8.50 -72.65
N VAL A 116 -12.50 -7.64 -72.57
CA VAL A 116 -12.23 -6.67 -73.64
C VAL A 116 -10.79 -6.20 -73.49
N GLY A 117 -10.27 -5.56 -74.53
CA GLY A 117 -8.92 -5.05 -74.51
C GLY A 117 -8.86 -3.55 -74.28
N ILE A 122 -9.47 2.62 -69.71
CA ILE A 122 -10.33 2.80 -68.54
C ILE A 122 -10.51 4.29 -68.26
N SER A 123 -10.12 4.72 -67.07
CA SER A 123 -10.19 6.13 -66.68
C SER A 123 -9.10 6.37 -65.64
N ILE A 124 -8.09 7.18 -66.01
CA ILE A 124 -6.96 7.40 -65.12
C ILE A 124 -7.41 8.13 -63.85
N THR A 125 -8.37 9.04 -63.97
CA THR A 125 -8.83 9.82 -62.83
C THR A 125 -9.40 8.91 -61.74
N SER A 126 -10.35 8.05 -62.09
CA SER A 126 -10.96 7.18 -61.09
C SER A 126 -9.96 6.14 -60.59
N LYS A 127 -9.07 5.67 -61.45
CA LYS A 127 -8.01 4.76 -61.02
C LYS A 127 -7.13 5.40 -59.95
N ALA A 128 -6.78 6.68 -60.13
CA ALA A 128 -5.93 7.36 -59.17
C ALA A 128 -6.66 7.65 -57.87
N GLU A 129 -7.96 7.97 -57.96
CA GLU A 129 -8.75 8.16 -56.74
C GLU A 129 -8.94 6.84 -56.01
N LEU A 130 -9.10 5.75 -56.76
CA LEU A 130 -9.20 4.43 -56.14
C LEU A 130 -7.89 4.02 -55.48
N ALA A 131 -6.75 4.48 -56.00
CA ALA A 131 -5.48 4.18 -55.38
C ALA A 131 -5.28 4.99 -54.10
N GLU A 132 -5.80 6.23 -54.05
CA GLU A 132 -5.69 7.03 -52.85
C GLU A 132 -6.57 6.46 -51.74
N VAL A 133 -7.75 5.95 -52.09
CA VAL A 133 -8.62 5.31 -51.12
C VAL A 133 -7.93 4.11 -50.49
N ARG A 134 -7.25 3.30 -51.30
CA ARG A 134 -6.54 2.13 -50.78
C ARG A 134 -5.43 2.54 -49.82
N ARG A 135 -4.62 3.51 -50.22
CA ARG A 135 -3.55 3.99 -49.36
C ARG A 135 -4.10 4.51 -48.04
N GLU A 136 -5.13 5.36 -48.12
CA GLU A 136 -5.72 5.93 -46.91
C GLU A 136 -6.40 4.86 -46.06
N TRP A 137 -6.94 3.81 -46.68
CA TRP A 137 -7.56 2.73 -45.91
C TRP A 137 -6.52 1.98 -45.10
N ALA A 138 -5.40 1.59 -45.73
CA ALA A 138 -4.35 0.87 -45.01
C ALA A 138 -3.73 1.73 -43.92
N LYS A 139 -3.76 3.05 -44.08
CA LYS A 139 -3.27 3.91 -43.02
C LYS A 139 -4.15 3.79 -41.79
N TYR A 140 -5.47 3.88 -41.97
CA TYR A 140 -6.40 3.76 -40.86
C TYR A 140 -6.48 2.33 -40.34
N MET A 141 -6.12 1.33 -41.16
CA MET A 141 -6.03 -0.04 -40.64
C MET A 141 -4.83 -0.20 -39.72
N GLU A 142 -3.70 0.40 -40.08
CA GLU A 142 -2.52 0.30 -39.22
C GLU A 142 -2.73 1.03 -37.90
N VAL A 143 -3.37 2.20 -37.94
CA VAL A 143 -3.63 2.93 -36.70
C VAL A 143 -4.67 2.20 -35.85
N HIS A 144 -5.63 1.53 -36.48
CA HIS A 144 -6.68 0.85 -35.74
C HIS A 144 -6.15 -0.40 -35.03
N GLU A 145 -5.38 -1.22 -35.75
CA GLU A 145 -4.82 -2.42 -35.13
C GLU A 145 -3.80 -2.07 -34.05
N LYS A 146 -3.09 -0.96 -34.22
CA LYS A 146 -2.16 -0.52 -33.18
C LYS A 146 -2.91 -0.22 -31.88
N ALA A 147 -4.00 0.54 -31.97
CA ALA A 147 -4.84 0.87 -30.83
C ALA A 147 -5.75 -0.28 -30.41
N SER A 148 -5.61 -1.45 -31.03
CA SER A 148 -6.45 -2.58 -30.63
C SER A 148 -5.96 -3.18 -29.33
N PHE A 149 -4.65 -3.39 -29.18
CA PHE A 149 -4.12 -3.91 -27.94
C PHE A 149 -4.34 -2.94 -26.79
N THR A 150 -4.21 -1.65 -27.06
CA THR A 150 -4.44 -0.63 -26.04
C THR A 150 -5.89 -0.67 -25.56
N ASN A 151 -6.84 -0.69 -26.51
CA ASN A 151 -8.25 -0.75 -26.15
C ASN A 151 -8.57 -2.02 -25.37
N SER A 152 -7.98 -3.15 -25.79
CA SER A 152 -8.23 -4.42 -25.10
C SER A 152 -7.67 -4.40 -23.68
N GLU A 153 -6.46 -3.87 -23.50
CA GLU A 153 -5.89 -3.79 -22.16
C GLU A 153 -6.66 -2.82 -21.28
N LEU A 154 -7.17 -1.74 -21.86
CA LEU A 154 -7.98 -0.80 -21.08
C LEU A 154 -9.22 -1.49 -20.51
N HIS A 155 -9.86 -2.36 -21.30
CA HIS A 155 -11.06 -3.02 -20.82
C HIS A 155 -10.75 -4.16 -19.86
N ARG A 156 -9.63 -4.86 -20.04
CA ARG A 156 -9.25 -5.86 -19.05
C ARG A 156 -8.93 -5.22 -17.71
N ALA A 157 -8.29 -4.04 -17.73
CA ALA A 157 -8.02 -3.34 -16.49
C ALA A 157 -9.31 -2.92 -15.80
N MET A 158 -10.25 -2.36 -16.58
CA MET A 158 -11.56 -2.03 -16.04
C MET A 158 -12.19 -3.23 -15.36
N ASN A 159 -12.26 -4.37 -16.07
CA ASN A 159 -12.86 -5.57 -15.51
C ASN A 159 -12.09 -6.03 -14.27
N LEU A 160 -10.78 -5.78 -14.23
CA LEU A 160 -9.97 -6.23 -13.11
C LEU A 160 -10.30 -5.49 -11.83
N HIS A 161 -10.66 -4.21 -11.90
CA HIS A 161 -10.80 -3.35 -10.73
C HIS A 161 -12.22 -2.92 -10.41
N VAL A 162 -13.19 -3.20 -11.29
CA VAL A 162 -14.51 -2.62 -11.12
C VAL A 162 -15.20 -3.14 -9.86
N GLY A 163 -14.89 -4.36 -9.43
CA GLY A 163 -15.50 -4.88 -8.23
C GLY A 163 -15.06 -4.14 -6.97
N ASN A 164 -13.78 -3.78 -6.90
CA ASN A 164 -13.31 -2.99 -5.76
C ASN A 164 -13.79 -1.56 -5.87
N LEU A 165 -13.86 -1.01 -7.08
CA LEU A 165 -14.36 0.34 -7.26
C LEU A 165 -15.84 0.43 -6.90
N ARG A 166 -16.60 -0.63 -7.15
CA ARG A 166 -17.98 -0.67 -6.67
C ARG A 166 -18.02 -0.78 -5.15
N LEU A 167 -17.07 -1.52 -4.58
CA LEU A 167 -16.98 -1.62 -3.12
C LEU A 167 -16.61 -0.28 -2.49
N LEU A 168 -15.61 0.40 -3.06
CA LEU A 168 -15.18 1.69 -2.53
C LEU A 168 -16.24 2.78 -2.70
N SER A 169 -17.19 2.58 -3.61
CA SER A 169 -18.26 3.55 -3.84
C SER A 169 -19.47 3.33 -2.95
N GLY A 170 -19.68 2.11 -2.46
CA GLY A 170 -20.80 1.80 -1.62
C GLY A 170 -20.61 2.32 -0.22
N PRO A 171 -21.51 1.91 0.68
CA PRO A 171 -21.43 2.38 2.08
C PRO A 171 -20.17 1.91 2.77
N LEU A 172 -19.70 2.73 3.72
CA LEU A 172 -18.42 2.48 4.37
C LEU A 172 -18.40 1.19 5.16
N ASP A 173 -19.56 0.73 5.65
CA ASP A 173 -19.57 -0.47 6.47
C ASP A 173 -19.20 -1.70 5.67
N GLN A 174 -19.53 -1.74 4.38
CA GLN A 174 -19.15 -2.87 3.54
C GLN A 174 -17.67 -2.84 3.20
N VAL A 175 -17.10 -1.64 3.08
CA VAL A 175 -15.65 -1.52 2.94
C VAL A 175 -14.96 -2.12 4.16
N ARG A 176 -15.36 -1.69 5.35
CA ARG A 176 -14.81 -2.22 6.59
C ARG A 176 -15.04 -3.72 6.73
N ALA A 177 -16.13 -4.24 6.15
CA ALA A 177 -16.39 -5.67 6.21
C ALA A 177 -15.48 -6.46 5.29
N ALA A 178 -14.96 -5.83 4.24
CA ALA A 178 -14.01 -6.50 3.36
C ALA A 178 -12.68 -6.78 4.04
N LEU A 179 -12.34 -6.01 5.06
CA LEU A 179 -11.05 -6.18 5.73
C LEU A 179 -11.11 -7.36 6.70
N PRO A 180 -10.06 -8.16 6.79
CA PRO A 180 -10.08 -9.29 7.72
C PRO A 180 -9.91 -8.84 9.16
N THR A 181 -10.68 -9.47 10.05
CA THR A 181 -10.64 -9.16 11.47
C THR A 181 -10.06 -10.34 12.25
N PRO A 182 -9.47 -10.10 13.42
CA PRO A 182 -8.98 -11.21 14.23
C PRO A 182 -10.12 -12.05 14.77
N ALA A 183 -9.92 -13.37 14.78
CA ALA A 183 -10.89 -14.33 15.32
C ALA A 183 -10.15 -15.19 16.36
N LEU A 184 -9.95 -14.62 17.54
CA LEU A 184 -9.19 -15.26 18.61
C LEU A 184 -10.13 -15.91 19.62
N SER A 185 -9.87 -17.17 19.94
CA SER A 185 -10.63 -17.86 20.95
C SER A 185 -10.37 -17.25 22.34
N PRO A 186 -11.21 -17.55 23.32
CA PRO A 186 -10.92 -17.07 24.69
C PRO A 186 -9.59 -17.57 25.22
N GLU A 187 -9.09 -18.71 24.74
CA GLU A 187 -7.79 -19.19 25.17
C GLU A 187 -6.67 -18.30 24.64
N ASP A 188 -6.77 -17.87 23.38
CA ASP A 188 -5.72 -17.03 22.80
C ASP A 188 -5.78 -15.62 23.37
N LYS A 189 -6.96 -15.12 23.73
CA LYS A 189 -7.04 -13.84 24.42
C LYS A 189 -6.38 -13.91 25.78
N ALA A 190 -6.57 -15.03 26.49
CA ALA A 190 -5.89 -15.23 27.76
C ALA A 190 -4.38 -15.23 27.59
N VAL A 191 -3.88 -15.87 26.52
CA VAL A 191 -2.45 -15.86 26.24
C VAL A 191 -1.97 -14.46 25.91
N LEU A 192 -2.82 -13.64 25.27
CA LEU A 192 -2.47 -12.25 25.05
C LEU A 192 -2.52 -11.45 26.34
N GLN A 193 -3.53 -11.69 27.17
CA GLN A 193 -3.63 -10.94 28.43
C GLN A 193 -2.50 -11.29 29.38
N ASN A 194 -2.21 -12.59 29.53
CA ASN A 194 -1.10 -12.99 30.40
C ASN A 194 0.21 -12.39 29.94
N LEU A 195 0.47 -12.44 28.62
CA LEU A 195 1.69 -11.83 28.09
C LEU A 195 1.72 -10.33 28.32
N LYS A 196 0.57 -9.66 28.14
CA LYS A 196 0.51 -8.23 28.38
C LYS A 196 0.67 -7.89 29.86
N ARG A 197 0.18 -8.76 30.74
CA ARG A 197 0.33 -8.53 32.17
C ARG A 197 1.79 -8.63 32.61
N ILE A 198 2.52 -9.61 32.06
CA ILE A 198 3.92 -9.80 32.44
C ILE A 198 4.77 -8.65 31.92
N LEU A 199 4.54 -8.23 30.68
CA LEU A 199 5.26 -7.09 30.15
C LEU A 199 5.04 -5.85 30.99
N ALA A 200 3.82 -5.68 31.50
CA ALA A 200 3.55 -4.56 32.42
C ALA A 200 4.39 -4.68 33.68
N LYS A 201 4.50 -5.90 34.23
CA LYS A 201 5.32 -6.11 35.41
C LYS A 201 6.79 -5.84 35.12
N VAL A 202 7.24 -6.16 33.90
CA VAL A 202 8.64 -5.92 33.53
C VAL A 202 8.93 -4.43 33.52
N GLN A 203 8.02 -3.63 32.91
CA GLN A 203 8.22 -2.20 32.84
C GLN A 203 8.20 -1.56 34.22
N GLU A 204 7.29 -2.01 35.09
CA GLU A 204 7.27 -1.47 36.45
C GLU A 204 8.55 -1.83 37.19
N MET A 205 9.08 -3.03 36.95
CA MET A 205 10.36 -3.41 37.54
C MET A 205 11.48 -2.52 37.03
N ARG A 206 11.46 -2.18 35.74
CA ARG A 206 12.43 -1.23 35.19
C ARG A 206 12.28 0.14 35.84
N ASP A 207 11.04 0.62 35.97
CA ASP A 207 10.82 1.96 36.52
C ASP A 207 11.29 2.05 37.96
N GLN A 208 10.88 1.09 38.80
CA GLN A 208 11.29 1.13 40.20
C GLN A 208 12.80 0.96 40.35
N ARG A 209 13.44 0.27 39.39
CA ARG A 209 14.89 0.13 39.44
C ARG A 209 15.59 1.47 39.20
N VAL A 210 15.14 2.20 38.17
CA VAL A 210 15.66 3.55 37.93
C VAL A 210 15.36 4.46 39.11
N SER A 211 14.15 4.35 39.66
CA SER A 211 13.78 5.18 40.80
C SER A 211 14.64 4.89 42.02
N LEU A 212 14.81 3.61 42.36
CA LEU A 212 15.56 3.25 43.56
C LEU A 212 17.02 3.64 43.44
N GLU A 213 17.60 3.54 42.25
CA GLU A 213 18.98 3.97 42.06
C GLU A 213 19.11 5.48 42.24
N GLN A 214 18.13 6.24 41.73
CA GLN A 214 18.17 7.68 41.89
C GLN A 214 18.12 8.07 43.36
N GLN A 215 17.21 7.45 44.13
CA GLN A 215 17.12 7.73 45.55
C GLN A 215 18.44 7.46 46.26
N LEU A 216 19.06 6.32 45.95
CA LEU A 216 20.35 6.00 46.55
C LEU A 216 21.42 7.01 46.16
N ARG A 217 21.43 7.41 44.88
CA ARG A 217 22.38 8.44 44.44
C ARG A 217 22.09 9.78 45.10
N GLU A 218 20.82 10.11 45.30
CA GLU A 218 20.47 11.38 45.92
C GLU A 218 20.74 11.36 47.43
N LEU A 219 20.58 10.20 48.06
CA LEU A 219 20.90 10.09 49.49
C LEU A 219 22.39 10.31 49.72
N ILE A 220 23.23 9.83 48.80
CA ILE A 220 24.66 10.05 48.91
C ILE A 220 25.00 11.49 48.55
N GLN A 221 24.32 12.03 47.53
CA GLN A 221 24.57 13.41 47.11
C GLN A 221 24.19 14.39 48.22
N LYS A 222 23.02 14.21 48.83
CA LYS A 222 22.60 15.09 49.91
C LYS A 222 23.51 14.96 51.12
N ASP A 223 24.08 13.77 51.35
CA ASP A 223 25.00 13.61 52.47
C ASP A 223 26.33 14.31 52.21
N ASP A 224 26.73 14.46 50.94
CA ASP A 224 27.95 15.19 50.63
C ASP A 224 27.72 16.69 50.62
N ILE A 225 26.48 17.15 50.41
CA ILE A 225 26.16 18.55 50.59
C ILE A 225 26.10 18.90 52.08
N THR A 226 25.52 18.01 52.89
CA THR A 226 25.40 18.24 54.32
C THR A 226 26.74 18.10 55.03
N ALA A 227 27.12 16.88 55.37
CA ALA A 227 28.31 16.64 56.19
C ALA A 227 29.59 16.85 55.40
N SER A 228 29.70 17.99 54.71
CA SER A 228 30.92 18.35 54.00
C SER A 228 30.88 19.82 53.57
N LEU A 229 29.87 20.18 52.79
CA LEU A 229 29.84 21.50 52.17
C LEU A 229 29.44 22.62 53.12
N VAL A 230 28.82 22.29 54.25
CA VAL A 230 28.37 23.33 55.17
C VAL A 230 28.87 23.07 56.59
N THR A 231 28.67 21.85 57.09
CA THR A 231 28.97 21.55 58.48
C THR A 231 30.40 21.01 58.62
N THR A 232 30.76 20.67 59.86
CA THR A 232 32.09 20.15 60.17
C THR A 232 32.02 19.34 61.45
N ASP A 233 32.64 18.17 61.45
CA ASP A 233 32.61 17.24 62.57
C ASP A 233 33.98 17.13 63.21
N HIS A 234 34.09 16.25 64.21
CA HIS A 234 35.35 15.99 64.88
C HIS A 234 35.61 14.49 64.96
N SER A 235 35.53 13.93 66.17
CA SER A 235 35.56 12.49 66.36
C SER A 235 34.18 11.85 66.20
N GLU A 236 33.19 12.64 65.81
CA GLU A 236 31.83 12.16 65.59
C GLU A 236 31.64 11.49 64.24
N MET A 237 32.71 11.39 63.43
CA MET A 237 32.59 10.82 62.09
C MET A 237 32.29 9.33 62.11
N LYS A 238 32.57 8.64 63.23
CA LYS A 238 32.30 7.21 63.30
C LYS A 238 30.81 6.93 63.39
N LYS A 239 30.11 7.62 64.29
CA LYS A 239 28.67 7.39 64.45
C LYS A 239 27.89 7.99 63.29
N LEU A 240 28.33 9.14 62.78
CA LEU A 240 27.61 9.77 61.67
C LEU A 240 27.66 8.91 60.42
N PHE A 241 28.79 8.27 60.16
CA PHE A 241 28.89 7.40 58.99
C PHE A 241 28.03 6.15 59.14
N GLU A 242 27.83 5.70 60.38
CA GLU A 242 26.93 4.56 60.61
C GLU A 242 25.48 4.96 60.39
N GLU A 243 25.10 6.17 60.80
CA GLU A 243 23.75 6.66 60.54
C GLU A 243 23.46 6.71 59.05
N GLN A 244 24.34 7.34 58.28
CA GLN A 244 24.14 7.43 56.84
C GLN A 244 24.15 6.04 56.20
N LEU A 245 25.05 5.16 56.67
CA LEU A 245 25.16 3.83 56.09
C LEU A 245 23.91 3.00 56.35
N LYS A 246 23.20 3.26 57.45
CA LYS A 246 21.94 2.56 57.69
C LYS A 246 20.89 2.96 56.66
N LYS A 247 20.84 4.24 56.31
CA LYS A 247 19.90 4.69 55.28
C LYS A 247 20.21 4.07 53.94
N TYR A 248 21.50 4.00 53.59
CA TYR A 248 21.88 3.41 52.31
C TYR A 248 21.49 1.94 52.24
N ASP A 249 21.68 1.20 53.33
CA ASP A 249 21.44 -0.24 53.30
C ASP A 249 19.95 -0.56 53.16
N GLN A 250 19.07 0.29 53.69
CA GLN A 250 17.65 0.03 53.54
C GLN A 250 17.22 0.15 52.08
N LEU A 251 17.80 1.11 51.35
CA LEU A 251 17.50 1.22 49.94
C LEU A 251 18.11 0.08 49.14
N LYS A 252 19.31 -0.36 49.53
CA LYS A 252 19.91 -1.51 48.83
C LYS A 252 19.11 -2.78 49.05
N VAL A 253 18.39 -2.89 50.17
CA VAL A 253 17.49 -4.02 50.38
C VAL A 253 16.37 -4.01 49.35
N TYR A 254 15.73 -2.85 49.17
CA TYR A 254 14.69 -2.73 48.15
C TYR A 254 15.23 -3.00 46.75
N LEU A 255 16.42 -2.47 46.46
CA LEU A 255 17.03 -2.67 45.15
C LEU A 255 17.36 -4.15 44.94
N GLU A 256 17.88 -4.82 45.97
CA GLU A 256 18.20 -6.23 45.83
C GLU A 256 16.95 -7.07 45.62
N GLN A 257 15.87 -6.75 46.33
CA GLN A 257 14.59 -7.42 46.06
C GLN A 257 14.18 -7.21 44.61
N ASN A 258 14.38 -6.00 44.09
CA ASN A 258 14.06 -5.71 42.70
C ASN A 258 14.92 -6.53 41.75
N LEU A 259 16.20 -6.70 42.08
CA LEU A 259 17.08 -7.48 41.23
C LEU A 259 16.76 -8.97 41.30
N ALA A 260 16.47 -9.48 42.50
CA ALA A 260 16.15 -10.89 42.66
C ALA A 260 14.84 -11.24 41.96
N ALA A 261 13.88 -10.32 41.99
CA ALA A 261 12.58 -10.58 41.37
C ALA A 261 12.67 -10.77 39.87
N GLN A 262 13.73 -10.26 39.24
CA GLN A 262 13.86 -10.37 37.78
C GLN A 262 13.92 -11.81 37.33
N ASP A 263 14.49 -12.70 38.15
CA ASP A 263 14.69 -14.08 37.71
C ASP A 263 13.37 -14.83 37.60
N ARG A 264 12.45 -14.62 38.55
CA ARG A 264 11.15 -15.25 38.45
C ARG A 264 10.35 -14.67 37.29
N VAL A 265 10.50 -13.38 37.03
CA VAL A 265 9.74 -12.71 35.97
C VAL A 265 10.22 -13.18 34.60
N LEU A 266 11.53 -13.34 34.41
CA LEU A 266 12.02 -13.81 33.12
C LEU A 266 11.54 -15.23 32.82
N CYS A 267 11.46 -16.08 33.85
CA CYS A 267 10.94 -17.42 33.65
C CYS A 267 9.48 -17.37 33.20
N ALA A 268 8.69 -16.48 33.79
CA ALA A 268 7.29 -16.36 33.41
C ALA A 268 7.16 -15.81 31.99
N LEU A 269 8.01 -14.84 31.63
CA LEU A 269 7.90 -14.22 30.31
C LEU A 269 8.28 -15.19 29.20
N THR A 270 9.37 -15.95 29.39
CA THR A 270 9.79 -16.88 28.36
C THR A 270 8.79 -18.03 28.21
N GLU A 271 8.11 -18.40 29.30
CA GLU A 271 7.07 -19.41 29.21
C GLU A 271 5.87 -18.88 28.46
N ALA A 272 5.44 -17.66 28.79
CA ALA A 272 4.35 -17.03 28.04
C ALA A 272 4.71 -16.87 26.58
N ASN A 273 5.98 -16.55 26.30
CA ASN A 273 6.42 -16.41 24.91
C ASN A 273 6.28 -17.72 24.15
N VAL A 274 6.36 -18.86 24.84
CA VAL A 274 6.18 -20.14 24.17
C VAL A 274 4.70 -20.37 23.83
N GLN A 275 3.80 -20.02 24.76
CA GLN A 275 2.38 -20.08 24.46
C GLN A 275 1.97 -19.09 23.37
N TYR A 276 2.66 -17.95 23.29
CA TYR A 276 2.34 -16.91 22.34
C TYR A 276 2.73 -17.28 20.90
N ALA A 277 3.49 -18.37 20.71
CA ALA A 277 4.05 -18.66 19.39
C ALA A 277 2.98 -18.97 18.36
N ALA A 278 1.91 -19.68 18.77
CA ALA A 278 0.82 -19.96 17.84
C ALA A 278 0.02 -18.69 17.54
N VAL A 279 -0.31 -17.92 18.57
CA VAL A 279 -1.04 -16.67 18.38
C VAL A 279 -0.20 -15.70 17.56
N ARG A 280 1.12 -15.69 17.77
CA ARG A 280 1.97 -14.74 17.05
C ARG A 280 1.89 -14.96 15.55
N ARG A 281 1.88 -16.22 15.10
CA ARG A 281 1.83 -16.48 13.67
C ARG A 281 0.45 -16.18 13.10
N VAL A 282 -0.60 -16.55 13.83
CA VAL A 282 -1.96 -16.24 13.40
C VAL A 282 -2.11 -14.74 13.19
N LEU A 283 -1.66 -13.94 14.17
CA LEU A 283 -1.78 -12.49 14.04
C LEU A 283 -0.85 -11.94 12.97
N SER A 284 0.28 -12.60 12.71
CA SER A 284 1.17 -12.14 11.66
C SER A 284 0.57 -12.40 10.29
N ASP A 285 -0.06 -13.56 10.09
CA ASP A 285 -0.77 -13.83 8.85
C ASP A 285 -1.96 -12.91 8.67
N LEU A 286 -2.61 -12.53 9.78
CA LEU A 286 -3.72 -11.58 9.71
C LEU A 286 -3.23 -10.21 9.29
N ASP A 287 -2.06 -9.79 9.77
CA ASP A 287 -1.53 -8.50 9.34
C ASP A 287 -1.10 -8.55 7.88
N GLN A 288 -0.48 -9.66 7.45
CA GLN A 288 -0.11 -9.82 6.06
C GLN A 288 -1.34 -9.77 5.15
N LYS A 289 -2.40 -10.47 5.56
CA LYS A 289 -3.64 -10.49 4.77
C LYS A 289 -4.32 -9.12 4.79
N TRP A 290 -4.32 -8.45 5.94
CA TRP A 290 -4.99 -7.15 6.06
C TRP A 290 -4.35 -6.11 5.14
N ASN A 291 -3.02 -6.04 5.14
CA ASN A 291 -2.34 -5.11 4.26
C ASN A 291 -2.38 -5.56 2.81
N SER A 292 -2.62 -6.84 2.56
CA SER A 292 -2.75 -7.31 1.19
C SER A 292 -4.06 -6.81 0.58
N THR A 293 -5.19 -7.07 1.25
CA THR A 293 -6.47 -6.60 0.73
C THR A 293 -6.51 -5.07 0.68
N LEU A 294 -5.88 -4.41 1.64
CA LEU A 294 -5.85 -2.95 1.64
C LEU A 294 -5.13 -2.42 0.41
N GLN A 295 -4.07 -3.11 -0.01
CA GLN A 295 -3.28 -2.63 -1.14
C GLN A 295 -3.96 -2.88 -2.48
N THR A 296 -4.85 -3.87 -2.56
CA THR A 296 -5.65 -4.03 -3.78
C THR A 296 -6.74 -2.97 -3.88
N LEU A 297 -7.26 -2.52 -2.74
CA LEU A 297 -8.18 -1.39 -2.77
C LEU A 297 -7.45 -0.11 -3.17
N VAL A 298 -6.26 0.12 -2.62
CA VAL A 298 -5.49 1.29 -3.01
C VAL A 298 -5.15 1.22 -4.49
N ALA A 299 -4.75 0.04 -4.97
CA ALA A 299 -4.40 -0.11 -6.38
C ALA A 299 -5.60 0.09 -7.28
N SER A 300 -6.77 -0.39 -6.86
CA SER A 300 -7.98 -0.17 -7.65
C SER A 300 -8.36 1.30 -7.71
N TYR A 301 -8.11 2.07 -6.64
CA TYR A 301 -8.35 3.50 -6.73
C TYR A 301 -7.34 4.17 -7.65
N GLU A 302 -6.09 3.73 -7.61
CA GLU A 302 -5.09 4.28 -8.52
CA GLU A 302 -5.08 4.27 -8.53
C GLU A 302 -5.46 3.98 -9.97
N ALA A 303 -5.93 2.75 -10.25
CA ALA A 303 -6.36 2.41 -11.59
C ALA A 303 -7.56 3.24 -12.02
N TYR A 304 -8.42 3.62 -11.07
CA TYR A 304 -9.59 4.44 -11.39
C TYR A 304 -9.18 5.80 -11.97
N GLU A 305 -8.17 6.44 -11.37
CA GLU A 305 -7.68 7.70 -11.92
C GLU A 305 -7.12 7.50 -13.32
N ASP A 306 -6.31 6.45 -13.51
CA ASP A 306 -5.74 6.20 -14.82
C ASP A 306 -6.80 5.85 -15.84
N LEU A 307 -7.87 5.16 -15.41
CA LEU A 307 -8.94 4.79 -16.34
C LEU A 307 -9.72 6.02 -16.79
N MET A 308 -10.02 6.93 -15.87
CA MET A 308 -10.66 8.18 -16.26
C MET A 308 -9.88 8.89 -17.36
N LYS A 309 -8.55 8.95 -17.21
CA LYS A 309 -7.72 9.65 -18.18
C LYS A 309 -7.69 8.92 -19.52
N LYS A 310 -7.40 7.62 -19.51
CA LYS A 310 -7.25 6.88 -20.76
C LYS A 310 -8.59 6.66 -21.45
N SER A 311 -9.67 6.49 -20.68
CA SER A 311 -10.99 6.39 -21.30
C SER A 311 -11.33 7.66 -22.08
N GLN A 312 -10.94 8.82 -21.56
CA GLN A 312 -11.16 10.05 -22.30
C GLN A 312 -10.29 10.11 -23.55
N GLU A 313 -9.02 9.73 -23.44
CA GLU A 313 -8.14 9.73 -24.60
C GLU A 313 -8.64 8.77 -25.67
N GLY A 314 -9.16 7.61 -25.26
CA GLY A 314 -9.65 6.65 -26.23
C GLY A 314 -10.91 7.10 -26.94
N ARG A 315 -11.86 7.67 -26.19
CA ARG A 315 -13.08 8.16 -26.82
C ARG A 315 -12.78 9.32 -27.77
N ASP A 316 -11.81 10.17 -27.42
CA ASP A 316 -11.43 11.25 -28.31
C ASP A 316 -10.69 10.74 -29.53
N PHE A 317 -9.82 9.74 -29.35
CA PHE A 317 -9.10 9.16 -30.47
C PHE A 317 -10.06 8.46 -31.44
N TYR A 318 -10.90 7.56 -30.92
CA TYR A 318 -11.79 6.81 -31.79
C TYR A 318 -12.90 7.66 -32.39
N ALA A 319 -13.26 8.78 -31.74
CA ALA A 319 -14.20 9.70 -32.37
C ALA A 319 -13.57 10.38 -33.57
N ASP A 320 -12.32 10.85 -33.43
CA ASP A 320 -11.58 11.38 -34.56
C ASP A 320 -11.39 10.32 -35.64
N LEU A 321 -11.12 9.08 -35.24
CA LEU A 321 -10.87 8.01 -36.21
C LEU A 321 -12.17 7.56 -36.88
N GLU A 322 -13.27 7.50 -36.12
CA GLU A 322 -14.54 7.13 -36.73
C GLU A 322 -14.97 8.15 -37.77
N SER A 323 -14.71 9.44 -37.51
CA SER A 323 -15.08 10.48 -38.46
C SER A 323 -14.30 10.34 -39.76
N LYS A 324 -13.00 10.03 -39.67
CA LYS A 324 -12.20 9.83 -40.87
C LYS A 324 -12.64 8.58 -41.63
N VAL A 325 -12.93 7.49 -40.92
CA VAL A 325 -13.29 6.24 -41.58
C VAL A 325 -14.68 6.35 -42.20
N ALA A 326 -15.59 7.06 -41.53
CA ALA A 326 -16.90 7.30 -42.13
C ALA A 326 -16.77 8.13 -43.40
N ALA A 327 -15.88 9.13 -43.39
CA ALA A 327 -15.69 9.96 -44.58
C ALA A 327 -14.96 9.21 -45.68
N LEU A 328 -14.06 8.28 -45.32
CA LEU A 328 -13.42 7.46 -46.33
C LEU A 328 -14.40 6.48 -46.96
N LEU A 329 -15.34 5.97 -46.17
CA LEU A 329 -16.36 5.07 -46.71
C LEU A 329 -17.23 5.78 -47.75
N GLU A 330 -17.48 7.08 -47.56
CA GLU A 330 -18.26 7.83 -48.53
C GLU A 330 -17.51 7.94 -49.86
N ARG A 331 -16.24 8.37 -49.82
CA ARG A 331 -15.43 8.42 -51.02
C ARG A 331 -15.35 7.06 -51.69
N THR A 332 -15.24 6.00 -50.90
CA THR A 332 -15.08 4.67 -51.46
C THR A 332 -16.31 4.25 -52.27
N GLN A 333 -17.50 4.35 -51.67
CA GLN A 333 -18.70 3.90 -52.37
C GLN A 333 -19.03 4.80 -53.56
N SER A 334 -18.66 6.08 -53.48
CA SER A 334 -18.84 6.96 -54.63
C SER A 334 -17.92 6.58 -55.78
N THR A 335 -16.64 6.37 -55.49
CA THR A 335 -15.69 6.01 -56.54
C THR A 335 -16.05 4.65 -57.16
N CYS A 336 -16.41 3.68 -56.31
CA CYS A 336 -16.71 2.35 -56.82
C CYS A 336 -17.99 2.33 -57.64
N GLN A 337 -18.99 3.13 -57.24
CA GLN A 337 -20.23 3.21 -58.02
C GLN A 337 -19.99 3.84 -59.39
N ALA A 338 -19.21 4.92 -59.44
CA ALA A 338 -18.90 5.56 -60.72
C ALA A 338 -18.11 4.63 -61.63
N ARG A 339 -17.11 3.92 -61.08
CA ARG A 339 -16.33 3.01 -61.91
C ARG A 339 -17.19 1.89 -62.49
N GLU A 340 -18.23 1.48 -61.77
CA GLU A 340 -19.10 0.43 -62.28
C GLU A 340 -20.02 0.96 -63.38
N ALA A 341 -20.48 2.21 -63.24
CA ALA A 341 -21.30 2.81 -64.29
C ALA A 341 -20.49 2.96 -65.58
N ALA A 342 -19.20 3.24 -65.46
CA ALA A 342 -18.35 3.33 -66.66
C ALA A 342 -18.26 1.98 -67.36
N ARG A 343 -18.09 0.90 -66.60
CA ARG A 343 -18.05 -0.44 -67.21
C ARG A 343 -19.39 -0.82 -67.81
N GLN A 344 -20.49 -0.29 -67.26
CA GLN A 344 -21.80 -0.54 -67.84
C GLN A 344 -21.91 0.11 -69.21
N GLN A 345 -21.52 1.38 -69.31
CA GLN A 345 -21.61 2.09 -70.58
C GLN A 345 -20.70 1.48 -71.65
N LEU A 346 -19.45 1.20 -71.28
CA LEU A 346 -18.48 0.74 -72.27
C LEU A 346 -18.82 -0.64 -72.79
N LEU A 347 -19.05 -1.60 -71.88
CA LEU A 347 -19.35 -2.96 -72.29
C LEU A 347 -20.69 -3.07 -73.02
N ASP A 348 -21.58 -2.10 -72.84
CA ASP A 348 -22.86 -2.13 -73.57
C ASP A 348 -22.66 -1.76 -75.03
N ARG A 349 -21.93 -0.67 -75.30
CA ARG A 349 -21.60 -0.27 -76.66
C ARG A 349 -20.42 -1.10 -77.19
N GLU A 350 -20.66 -2.40 -77.29
CA GLU A 350 -19.64 -3.34 -77.74
C GLU A 350 -20.25 -4.48 -78.55
N ASN B 2 1.57 0.05 -15.41
CA ASN B 2 0.96 -0.88 -16.36
C ASN B 2 -0.01 -0.16 -17.28
N ILE B 3 -1.23 0.08 -16.77
CA ILE B 3 -2.24 0.79 -17.55
C ILE B 3 -1.95 2.27 -17.66
N LYS B 4 -0.97 2.78 -16.90
CA LYS B 4 -0.61 4.20 -17.00
C LYS B 4 0.16 4.46 -18.30
N SER B 5 0.87 3.46 -18.82
CA SER B 5 1.68 3.61 -20.01
C SER B 5 0.98 3.16 -21.28
N LEU B 6 -0.36 3.12 -21.28
CA LEU B 6 -1.13 2.78 -22.47
C LEU B 6 -1.40 4.07 -23.24
N SER B 7 -0.82 4.20 -24.42
CA SER B 7 -0.94 5.39 -25.24
C SER B 7 -1.69 5.07 -26.52
N PHE B 8 -2.70 5.90 -26.84
CA PHE B 8 -3.38 5.79 -28.11
C PHE B 8 -2.61 6.53 -29.20
N PRO B 9 -2.71 6.08 -30.45
CA PRO B 9 -1.95 6.71 -31.53
C PRO B 9 -2.35 8.17 -31.73
N LYS B 10 -1.57 8.85 -32.57
CA LYS B 10 -1.78 10.25 -32.90
C LYS B 10 -2.29 10.38 -34.33
N LEU B 11 -3.24 11.28 -34.53
CA LEU B 11 -3.80 11.52 -35.86
C LEU B 11 -3.85 13.02 -36.17
#